data_5W43
#
_entry.id   5W43
#
_cell.length_a   121.691
_cell.length_b   121.691
_cell.length_c   78.863
_cell.angle_alpha   90.00
_cell.angle_beta   90.00
_cell.angle_gamma   120.00
#
_symmetry.space_group_name_H-M   'P 61'
#
loop_
_entity.id
_entity.type
_entity.pdbx_description
1 polymer 'Transcriptional regulatory protein RcsB'
2 polymer "DNA (5'-D(*GP*AP*TP*TP*TP*AP*GP*GP*AP*AP*AP*AP*AP*TP*CP*TP*TP*AP*GP*AP*TP*A)-3')"
3 polymer "DNA (5'-D(*TP*AP*TP*CP*TP*AP*AP*GP*AP*TP*TP*TP*TP*TP*CP*CP*TP*AP*AP*AP*TP*C)-3')"
#
loop_
_entity_poly.entity_id
_entity_poly.type
_entity_poly.pdbx_seq_one_letter_code
_entity_poly.pdbx_strand_id
1 'polypeptide(L)'
;MNNMNVIIADDHPIVLFGIRKSLEQIEWVNVVGEFEDSTALINNLPKLDAHVLITDLSMPGDKYGDGITLIKYIKRHFPS
LSIIVLTMNNNPAILSAVLDLDIEGIVLKQGAPTDLPKALAALQKGKKFTPESVSRLLEKISAGGYGDKRLSPKESEVLR
LFAEGFLVTEIAKKLNRSIKTISSQKKSAMMKLGVENDIALLNYLSSVTLSPADKD
;
A,B
2 'polydeoxyribonucleotide'
;(DG)(DA)(DT)(DT)(DT)(DA)(DG)(DG)(DA)(DA)(DA)(DA)(DA)(DT)(DC)(DT)(DT)(DA)(DG)(DA)
(DT)(DA)
;
E
3 'polydeoxyribonucleotide'
;(DT)(DA)(DT)(DC)(DT)(DA)(DA)(DG)(DA)(DT)(DT)(DT)(DT)(DT)(DC)(DC)(DT)(DA)(DA)(DA)
(DT)(DC)
;
F
#
loop_
_chem_comp.id
_chem_comp.type
_chem_comp.name
_chem_comp.formula
DA DNA linking 2'-DEOXYADENOSINE-5'-MONOPHOSPHATE 'C10 H14 N5 O6 P'
DC DNA linking 2'-DEOXYCYTIDINE-5'-MONOPHOSPHATE 'C9 H14 N3 O7 P'
DG DNA linking 2'-DEOXYGUANOSINE-5'-MONOPHOSPHATE 'C10 H14 N5 O7 P'
DT DNA linking THYMIDINE-5'-MONOPHOSPHATE 'C10 H15 N2 O8 P'
#
# COMPACT_ATOMS: atom_id res chain seq x y z
N ASN A 2 23.26 7.12 23.49
CA ASN A 2 23.32 5.63 23.44
C ASN A 2 21.92 4.95 23.33
N ASN A 3 21.08 5.14 24.36
CA ASN A 3 19.75 4.51 24.39
C ASN A 3 18.79 5.22 23.44
N MET A 4 17.73 4.53 22.99
CA MET A 4 16.87 5.12 21.94
C MET A 4 15.39 5.05 22.23
N ASN A 5 14.69 6.17 22.07
CA ASN A 5 13.27 6.29 22.30
C ASN A 5 12.46 6.45 21.03
N VAL A 6 11.61 5.48 20.74
CA VAL A 6 10.85 5.48 19.49
C VAL A 6 9.36 5.61 19.69
N ILE A 7 8.71 6.35 18.79
CA ILE A 7 7.25 6.45 18.66
C ILE A 7 6.88 5.89 17.29
N ILE A 8 5.90 5.00 17.23
CA ILE A 8 5.46 4.41 15.98
C ILE A 8 4.07 4.96 15.64
N ALA A 9 3.93 5.51 14.45
CA ALA A 9 2.60 5.84 13.93
C ALA A 9 2.25 5.21 12.60
N ASP A 10 1.27 4.30 12.64
CA ASP A 10 0.71 3.66 11.44
C ASP A 10 -0.72 3.33 11.68
N ASP A 11 -1.56 3.54 10.65
CA ASP A 11 -2.98 3.30 10.75
C ASP A 11 -3.45 1.85 10.63
N HIS A 12 -2.58 0.96 10.14
CA HIS A 12 -2.86 -0.47 10.17
C HIS A 12 -2.34 -1.06 11.48
N PRO A 13 -3.25 -1.33 12.45
CA PRO A 13 -2.88 -1.90 13.73
C PRO A 13 -2.09 -3.20 13.62
N ILE A 14 -2.47 -4.08 12.68
CA ILE A 14 -1.63 -5.26 12.46
C ILE A 14 -0.18 -4.91 12.09
N VAL A 15 0.03 -3.79 11.43
CA VAL A 15 1.39 -3.36 11.03
C VAL A 15 2.11 -2.78 12.25
N LEU A 16 1.35 -2.00 13.02
CA LEU A 16 1.82 -1.37 14.25
C LEU A 16 2.35 -2.43 15.17
N PHE A 17 1.55 -3.48 15.35
CA PHE A 17 1.96 -4.66 16.09
C PHE A 17 3.28 -5.21 15.55
N GLY A 18 3.33 -5.38 14.22
CA GLY A 18 4.50 -5.88 13.57
C GLY A 18 5.75 -5.07 13.83
N ILE A 19 5.66 -3.75 13.71
CA ILE A 19 6.80 -2.88 13.94
C ILE A 19 7.21 -2.95 15.41
N ARG A 20 6.21 -2.94 16.31
CA ARG A 20 6.50 -3.06 17.75
C ARG A 20 7.27 -4.33 18.07
N LYS A 21 6.83 -5.44 17.49
CA LYS A 21 7.45 -6.75 17.74
C LYS A 21 8.82 -6.88 17.11
N SER A 22 8.99 -6.32 15.92
CA SER A 22 10.27 -6.31 15.25
C SER A 22 11.23 -5.32 15.95
N LEU A 23 10.71 -4.21 16.50
CA LEU A 23 11.58 -3.28 17.24
C LEU A 23 11.88 -3.77 18.64
N GLU A 24 10.99 -4.60 19.18
CA GLU A 24 11.12 -5.18 20.52
C GLU A 24 12.45 -5.90 20.66
N GLN A 25 12.97 -6.36 19.53
CA GLN A 25 14.18 -7.16 19.47
C GLN A 25 15.46 -6.38 19.75
N ILE A 26 15.42 -5.09 19.59
CA ILE A 26 16.62 -4.27 19.62
C ILE A 26 16.76 -3.58 20.98
N GLU A 27 17.69 -4.12 21.77
CA GLU A 27 17.71 -3.80 23.21
C GLU A 27 18.14 -2.33 23.54
N TRP A 28 18.67 -1.62 22.54
CA TRP A 28 19.03 -0.19 22.66
C TRP A 28 17.94 0.72 22.09
N VAL A 29 16.79 0.11 21.79
CA VAL A 29 15.58 0.83 21.36
C VAL A 29 14.48 0.64 22.38
N ASN A 30 13.73 1.70 22.58
CA ASN A 30 12.57 1.69 23.45
C ASN A 30 11.36 2.29 22.75
N VAL A 31 10.37 1.42 22.51
CA VAL A 31 9.07 1.84 22.07
C VAL A 31 8.41 2.63 23.23
N VAL A 32 7.96 3.84 22.97
CA VAL A 32 7.45 4.70 24.03
C VAL A 32 6.06 5.24 23.72
N GLY A 33 5.58 4.98 22.50
CA GLY A 33 4.17 5.29 22.13
C GLY A 33 3.81 4.73 20.77
N GLU A 34 2.62 4.17 20.65
CA GLU A 34 2.07 3.74 19.39
C GLU A 34 0.89 4.64 19.08
N PHE A 35 0.72 5.08 17.85
CA PHE A 35 -0.36 5.99 17.50
C PHE A 35 -0.95 5.68 16.16
N GLU A 36 -2.26 5.91 16.08
CA GLU A 36 -3.02 5.45 14.94
C GLU A 36 -3.56 6.60 14.11
N ASP A 37 -3.55 7.80 14.70
CA ASP A 37 -3.87 9.01 13.94
C ASP A 37 -2.98 10.23 14.28
N SER A 38 -3.00 11.22 13.40
CA SER A 38 -2.09 12.36 13.53
C SER A 38 -2.38 13.16 14.81
N THR A 39 -3.65 13.20 15.12
CA THR A 39 -4.12 13.98 16.23
C THR A 39 -3.65 13.43 17.59
N ALA A 40 -3.85 12.13 17.84
CA ALA A 40 -3.33 11.45 19.03
C ALA A 40 -1.81 11.58 19.15
N LEU A 41 -1.15 11.38 18.01
CA LEU A 41 0.29 11.64 17.87
C LEU A 41 0.73 13.05 18.34
N ILE A 42 0.26 14.11 17.65
CA ILE A 42 0.66 15.49 17.97
C ILE A 42 0.27 15.88 19.42
N ASN A 43 -0.85 15.36 19.92
CA ASN A 43 -1.23 15.61 21.29
C ASN A 43 -0.28 15.01 22.29
N ASN A 44 0.29 13.85 21.99
CA ASN A 44 1.16 13.17 22.98
C ASN A 44 2.63 13.35 22.74
N LEU A 45 2.95 13.95 21.61
CA LEU A 45 4.33 14.25 21.27
C LEU A 45 5.11 14.97 22.38
N PRO A 46 4.57 16.05 23.01
CA PRO A 46 5.41 16.71 24.00
C PRO A 46 5.58 15.89 25.26
N LYS A 47 4.64 14.96 25.48
CA LYS A 47 4.57 14.18 26.71
C LYS A 47 5.60 13.10 26.84
N LEU A 48 6.12 12.67 25.70
CA LEU A 48 7.14 11.63 25.66
C LEU A 48 8.37 12.28 25.09
N ASP A 49 9.43 12.28 25.88
CA ASP A 49 10.70 12.67 25.31
C ASP A 49 11.02 11.44 24.46
N ALA A 50 11.26 11.72 23.19
CA ALA A 50 11.41 10.70 22.21
C ALA A 50 12.44 11.21 21.20
N HIS A 51 13.29 10.33 20.71
CA HIS A 51 14.25 10.73 19.71
C HIS A 51 13.75 10.48 18.31
N VAL A 52 12.97 9.41 18.13
CA VAL A 52 12.64 8.91 16.79
C VAL A 52 11.18 8.65 16.58
N LEU A 53 10.67 9.23 15.52
CA LEU A 53 9.33 8.96 15.09
C LEU A 53 9.41 8.09 13.83
N ILE A 54 8.69 6.98 13.85
CA ILE A 54 8.56 6.09 12.69
C ILE A 54 7.10 6.17 12.17
N THR A 55 6.89 6.79 11.01
CA THR A 55 5.51 6.95 10.44
C THR A 55 5.33 6.55 9.00
N ASP A 56 4.08 6.16 8.67
CA ASP A 56 3.62 6.06 7.31
C ASP A 56 3.27 7.46 6.83
N LEU A 57 2.99 7.60 5.53
CA LEU A 57 2.59 8.91 5.01
C LEU A 57 1.16 9.17 5.33
N SER A 58 0.27 8.44 4.68
CA SER A 58 -1.15 8.65 4.83
C SER A 58 -1.76 7.90 6.02
N MET A 59 -2.45 8.67 6.86
CA MET A 59 -3.25 8.15 7.99
C MET A 59 -4.33 9.19 8.28
N PRO A 60 -5.47 8.77 8.92
CA PRO A 60 -6.46 9.69 9.53
C PRO A 60 -5.89 10.76 10.53
N GLY A 61 -6.62 11.86 10.68
CA GLY A 61 -6.19 12.94 11.55
C GLY A 61 -6.22 14.23 10.78
N ASP A 62 -7.26 15.01 10.96
CA ASP A 62 -7.59 16.05 10.02
C ASP A 62 -7.17 17.47 10.41
N LYS A 63 -7.01 17.73 11.71
CA LYS A 63 -6.50 19.04 12.12
C LYS A 63 -5.04 19.21 11.78
N TYR A 64 -4.27 18.10 11.75
CA TYR A 64 -2.82 18.17 11.45
C TYR A 64 -2.40 17.54 10.14
N GLY A 65 -3.29 16.74 9.57
CA GLY A 65 -3.12 16.19 8.23
C GLY A 65 -2.30 14.90 8.20
N ASP A 66 -1.75 14.64 7.03
CA ASP A 66 -0.95 13.47 6.78
C ASP A 66 -0.01 13.75 5.63
N GLY A 67 0.83 12.79 5.32
CA GLY A 67 1.76 12.97 4.22
C GLY A 67 2.83 13.99 4.52
N ILE A 68 3.13 14.79 3.52
CA ILE A 68 4.10 15.86 3.64
C ILE A 68 3.75 16.82 4.75
N THR A 69 2.52 17.28 4.71
CA THR A 69 1.99 18.21 5.67
C THR A 69 2.25 17.80 7.09
N LEU A 70 1.89 16.57 7.40
CA LEU A 70 2.05 16.02 8.71
C LEU A 70 3.46 16.16 9.20
N ILE A 71 4.39 15.73 8.38
CA ILE A 71 5.76 15.83 8.76
C ILE A 71 6.13 17.26 8.90
N LYS A 72 6.03 17.98 7.80
CA LYS A 72 6.43 19.41 7.88
C LYS A 72 6.03 20.13 9.14
N TYR A 73 4.81 19.80 9.61
CA TYR A 73 4.32 20.34 10.87
C TYR A 73 5.26 19.88 11.97
N ILE A 74 5.69 18.62 11.91
CA ILE A 74 6.49 18.02 12.98
C ILE A 74 7.90 18.58 13.01
N LYS A 75 8.52 18.70 11.83
CA LYS A 75 9.85 19.29 11.73
C LYS A 75 9.88 20.74 12.23
N ARG A 76 8.78 21.46 11.94
CA ARG A 76 8.56 22.83 12.40
C ARG A 76 8.47 22.91 13.93
N HIS A 77 7.67 22.05 14.55
CA HIS A 77 7.37 22.12 15.99
C HIS A 77 8.22 21.27 16.96
N PHE A 78 8.90 20.26 16.43
CA PHE A 78 9.73 19.36 17.24
C PHE A 78 11.02 19.09 16.44
N PRO A 79 11.83 20.14 16.22
CA PRO A 79 12.92 20.03 15.24
C PRO A 79 14.04 19.11 15.72
N SER A 80 14.14 19.00 17.05
CA SER A 80 14.91 17.97 17.76
C SER A 80 14.60 16.55 17.26
N LEU A 81 13.32 16.28 16.90
CA LEU A 81 12.85 14.91 16.54
C LEU A 81 13.16 14.43 15.12
N SER A 82 13.74 13.24 15.10
CA SER A 82 14.16 12.57 13.91
C SER A 82 13.10 11.65 13.44
N ILE A 83 12.72 11.80 12.18
CA ILE A 83 11.60 11.08 11.60
C ILE A 83 12.19 10.02 10.64
N ILE A 84 11.75 8.78 10.76
CA ILE A 84 11.90 7.83 9.65
C ILE A 84 10.51 7.61 9.06
N VAL A 85 10.39 7.86 7.76
CA VAL A 85 9.17 7.46 7.06
C VAL A 85 9.26 5.98 6.65
N LEU A 86 8.25 5.19 7.03
CA LEU A 86 8.19 3.79 6.67
C LEU A 86 6.90 3.65 5.90
N THR A 87 7.07 3.46 4.58
CA THR A 87 5.93 3.62 3.65
C THR A 87 5.73 2.49 2.71
N MET A 88 4.51 2.36 2.20
CA MET A 88 4.28 1.40 1.15
C MET A 88 4.62 2.10 -0.19
N ASN A 89 4.54 3.42 -0.18
CA ASN A 89 4.67 4.31 -1.31
C ASN A 89 5.84 4.03 -2.21
N ASN A 90 5.51 3.57 -3.41
CA ASN A 90 6.52 3.27 -4.43
C ASN A 90 6.72 4.42 -5.39
N ASN A 91 6.09 5.56 -5.12
CA ASN A 91 6.13 6.71 -6.04
C ASN A 91 7.45 7.50 -5.92
N PRO A 92 8.25 7.57 -6.99
CA PRO A 92 9.53 8.30 -6.93
C PRO A 92 9.35 9.75 -6.51
N ALA A 93 8.44 10.48 -7.17
CA ALA A 93 8.26 11.89 -6.86
C ALA A 93 7.90 12.15 -5.37
N ILE A 94 6.94 11.40 -4.82
CA ILE A 94 6.49 11.65 -3.48
C ILE A 94 7.60 11.34 -2.50
N LEU A 95 8.27 10.19 -2.65
CA LEU A 95 9.47 9.90 -1.89
C LEU A 95 10.53 11.06 -1.97
N SER A 96 10.83 11.46 -3.21
CA SER A 96 11.70 12.61 -3.46
C SER A 96 11.29 13.86 -2.70
N ALA A 97 10.00 14.14 -2.60
CA ALA A 97 9.53 15.30 -1.86
C ALA A 97 9.80 15.10 -0.37
N VAL A 98 9.61 13.89 0.12
CA VAL A 98 9.86 13.62 1.54
C VAL A 98 11.35 13.69 1.84
N LEU A 99 12.23 13.42 0.89
CA LEU A 99 13.67 13.54 1.13
C LEU A 99 14.16 15.00 1.11
N ASP A 100 13.47 15.87 0.36
CA ASP A 100 13.70 17.31 0.39
C ASP A 100 13.30 17.92 1.73
N LEU A 101 12.60 17.16 2.58
CA LEU A 101 12.21 17.64 3.90
C LEU A 101 13.33 17.53 4.95
N ASP A 102 14.43 16.87 4.61
CA ASP A 102 15.46 16.51 5.55
C ASP A 102 14.86 15.72 6.71
N ILE A 103 14.43 14.49 6.38
CA ILE A 103 14.16 13.49 7.38
C ILE A 103 15.35 12.53 7.41
N GLU A 104 15.35 11.58 8.33
CA GLU A 104 16.55 10.83 8.62
C GLU A 104 16.52 9.43 8.07
N GLY A 105 15.49 9.15 7.31
CA GLY A 105 15.27 7.78 6.82
C GLY A 105 13.99 7.64 6.05
N ILE A 106 14.10 6.84 5.02
CA ILE A 106 12.94 6.25 4.39
C ILE A 106 13.19 4.76 4.28
N VAL A 107 12.17 3.94 4.48
CA VAL A 107 12.27 2.47 4.50
C VAL A 107 10.96 1.97 3.87
N LEU A 108 11.05 1.25 2.74
CA LEU A 108 9.83 0.78 2.14
C LEU A 108 9.28 -0.46 2.91
N LYS A 109 7.99 -0.66 2.83
CA LYS A 109 7.45 -1.81 3.51
C LYS A 109 7.71 -3.08 2.71
N GLN A 110 8.24 -2.91 1.51
CA GLN A 110 8.52 -4.02 0.63
C GLN A 110 9.98 -4.39 0.75
N GLY A 111 10.23 -5.67 0.97
CA GLY A 111 11.56 -6.22 1.09
C GLY A 111 12.50 -5.41 1.94
N ALA A 112 12.28 -5.42 3.22
CA ALA A 112 13.10 -4.60 4.06
C ALA A 112 13.12 -5.13 5.45
N PRO A 113 13.20 -6.44 5.59
CA PRO A 113 13.18 -7.04 6.92
C PRO A 113 14.30 -6.52 7.79
N THR A 114 15.49 -6.40 7.25
CA THR A 114 16.59 -5.91 8.02
C THR A 114 16.83 -4.44 7.77
N ASP A 115 15.98 -3.80 7.00
CA ASP A 115 16.19 -2.39 6.70
C ASP A 115 15.95 -1.47 7.87
N LEU A 116 14.85 -1.65 8.57
CA LEU A 116 14.51 -0.81 9.69
C LEU A 116 15.61 -0.76 10.72
N PRO A 117 16.10 -1.92 11.13
CA PRO A 117 17.17 -1.96 12.12
C PRO A 117 18.35 -1.25 11.53
N LYS A 118 18.51 -1.38 10.24
CA LYS A 118 19.62 -0.67 9.64
C LYS A 118 19.39 0.82 9.72
N ALA A 119 18.18 1.25 9.35
CA ALA A 119 17.84 2.67 9.38
C ALA A 119 18.03 3.26 10.74
N LEU A 120 17.63 2.51 11.76
CA LEU A 120 17.72 2.99 13.11
C LEU A 120 19.14 3.00 13.56
N ALA A 121 19.96 2.07 13.04
CA ALA A 121 21.29 1.89 13.53
C ALA A 121 22.16 2.99 12.98
N ALA A 122 21.86 3.41 11.76
CA ALA A 122 22.51 4.57 11.14
C ALA A 122 22.16 5.89 11.87
N LEU A 123 21.09 5.89 12.64
CA LEU A 123 20.71 7.08 13.33
C LEU A 123 21.54 7.29 14.57
N GLN A 124 22.13 6.24 15.10
CA GLN A 124 23.07 6.37 16.20
C GLN A 124 24.34 7.01 15.71
N LYS A 125 24.96 6.39 14.71
CA LYS A 125 26.07 6.92 13.93
C LYS A 125 25.87 8.39 13.53
N GLY A 126 24.63 8.86 13.47
CA GLY A 126 24.34 10.20 12.97
C GLY A 126 24.43 10.24 11.45
N LYS A 127 24.19 9.11 10.80
CA LYS A 127 24.23 8.99 9.35
C LYS A 127 22.83 8.62 8.78
N LYS A 128 22.66 8.79 7.46
CA LYS A 128 21.42 8.41 6.86
C LYS A 128 21.57 7.01 6.23
N PHE A 129 20.46 6.26 6.21
CA PHE A 129 20.39 5.00 5.47
C PHE A 129 19.35 5.10 4.38
N THR A 130 19.76 4.48 3.26
CA THR A 130 18.94 4.40 2.06
C THR A 130 18.88 2.96 1.56
N PRO A 131 17.73 2.27 1.81
CA PRO A 131 17.46 0.97 1.27
C PRO A 131 17.77 0.93 -0.19
N GLU A 132 18.39 -0.19 -0.62
CA GLU A 132 18.64 -0.43 -2.03
C GLU A 132 17.31 -0.19 -2.77
N SER A 133 16.23 -0.72 -2.22
CA SER A 133 14.87 -0.53 -2.77
C SER A 133 14.46 0.93 -3.02
N VAL A 134 14.79 1.81 -2.08
CA VAL A 134 14.58 3.24 -2.21
C VAL A 134 15.38 3.89 -3.36
N SER A 135 16.70 3.68 -3.38
CA SER A 135 17.56 4.25 -4.42
C SER A 135 17.21 3.74 -5.83
N ARG A 136 16.71 2.51 -5.89
CA ARG A 136 16.24 1.91 -7.12
C ARG A 136 15.03 2.71 -7.63
N LEU A 137 14.08 2.96 -6.71
CA LEU A 137 12.92 3.81 -6.96
C LEU A 137 13.30 5.24 -7.39
N LEU A 138 14.52 5.69 -7.08
CA LEU A 138 14.95 7.07 -7.35
C LEU A 138 15.95 7.18 -8.48
N GLU A 139 16.33 6.03 -9.04
CA GLU A 139 17.12 5.95 -10.29
C GLU A 139 16.69 6.89 -11.43
N LYS A 140 15.37 7.07 -11.61
CA LYS A 140 14.82 7.93 -12.67
C LYS A 140 15.40 9.33 -12.56
N ILE A 141 15.68 9.72 -11.33
CA ILE A 141 16.12 11.05 -10.98
C ILE A 141 17.65 11.13 -10.83
N ASP A 148 18.53 20.57 -12.23
CA ASP A 148 17.22 21.28 -12.15
C ASP A 148 15.99 20.39 -12.49
N LYS A 149 15.35 19.92 -11.43
CA LYS A 149 14.16 19.10 -11.48
C LYS A 149 12.90 19.94 -11.19
N ARG A 150 13.02 21.28 -11.30
CA ARG A 150 11.90 22.22 -11.09
C ARG A 150 11.25 22.54 -12.42
N LEU A 151 9.92 22.64 -12.44
CA LEU A 151 9.21 22.73 -13.71
C LEU A 151 8.76 24.11 -14.19
N SER A 152 8.78 24.25 -15.51
CA SER A 152 8.61 25.50 -16.25
C SER A 152 7.16 25.98 -16.17
N PRO A 153 6.89 27.26 -16.50
CA PRO A 153 5.56 27.75 -16.21
C PRO A 153 4.46 27.08 -17.05
N LYS A 154 4.70 26.80 -18.35
CA LYS A 154 3.71 26.10 -19.19
C LYS A 154 3.53 24.72 -18.61
N GLU A 155 4.68 24.02 -18.37
CA GLU A 155 4.65 22.69 -17.73
C GLU A 155 3.73 22.66 -16.50
N SER A 156 3.73 23.72 -15.69
CA SER A 156 2.95 23.73 -14.46
C SER A 156 1.48 23.85 -14.78
N GLU A 157 1.20 24.70 -15.75
CA GLU A 157 -0.15 24.97 -16.21
C GLU A 157 -0.79 23.69 -16.77
N VAL A 158 -0.13 23.13 -17.77
CA VAL A 158 -0.58 21.93 -18.41
C VAL A 158 -0.87 20.87 -17.38
N LEU A 159 0.08 20.66 -16.48
CA LEU A 159 -0.13 19.77 -15.35
C LEU A 159 -1.33 20.11 -14.46
N ARG A 160 -1.57 21.40 -14.18
CA ARG A 160 -2.66 21.80 -13.30
C ARG A 160 -3.97 21.41 -13.92
N LEU A 161 -4.14 21.83 -15.16
CA LEU A 161 -5.32 21.56 -15.91
C LEU A 161 -5.56 20.06 -15.97
N PHE A 162 -4.48 19.29 -16.16
CA PHE A 162 -4.59 17.82 -16.22
C PHE A 162 -5.05 17.26 -14.90
N ALA A 163 -4.47 17.75 -13.82
CA ALA A 163 -4.81 17.31 -12.48
C ALA A 163 -6.18 17.80 -12.06
N GLU A 164 -6.89 18.44 -12.98
CA GLU A 164 -8.23 18.99 -12.77
C GLU A 164 -9.29 18.06 -13.41
N GLY A 165 -8.88 17.17 -14.29
CA GLY A 165 -9.85 16.31 -14.93
C GLY A 165 -9.84 16.48 -16.43
N PHE A 166 -9.22 17.58 -16.90
CA PHE A 166 -9.10 17.87 -18.36
C PHE A 166 -8.25 16.86 -19.12
N LEU A 167 -8.68 16.52 -20.30
CA LEU A 167 -7.95 15.54 -21.11
C LEU A 167 -6.92 16.27 -21.95
N VAL A 168 -5.92 15.56 -22.43
CA VAL A 168 -4.89 16.21 -23.23
C VAL A 168 -5.49 16.98 -24.43
N THR A 169 -6.31 16.30 -25.25
CA THR A 169 -6.97 16.94 -26.40
C THR A 169 -7.83 18.12 -25.96
N GLU A 170 -8.48 18.00 -24.81
CA GLU A 170 -9.25 19.11 -24.25
C GLU A 170 -8.38 20.26 -23.78
N ILE A 171 -7.23 19.95 -23.17
CA ILE A 171 -6.27 20.99 -22.71
C ILE A 171 -5.83 21.81 -23.91
N ALA A 172 -5.33 21.11 -24.91
CA ALA A 172 -5.05 21.63 -26.24
C ALA A 172 -6.10 22.60 -26.81
N LYS A 173 -7.38 22.28 -26.72
CA LYS A 173 -8.42 23.20 -27.20
C LYS A 173 -8.41 24.46 -26.38
N LYS A 174 -8.30 24.31 -25.07
CA LYS A 174 -8.51 25.42 -24.15
C LYS A 174 -7.44 26.49 -24.31
N LEU A 175 -6.20 26.06 -24.46
CA LEU A 175 -5.03 26.98 -24.50
C LEU A 175 -4.61 27.46 -25.89
N ASN A 176 -5.48 27.16 -26.86
CA ASN A 176 -5.27 27.44 -28.30
C ASN A 176 -3.90 26.97 -28.77
N ARG A 177 -3.57 25.71 -28.44
CA ARG A 177 -2.31 25.10 -28.87
C ARG A 177 -2.49 23.66 -29.35
N SER A 178 -1.50 23.15 -30.08
CA SER A 178 -1.55 21.80 -30.65
C SER A 178 -1.52 20.73 -29.55
N ILE A 179 -2.23 19.65 -29.80
CA ILE A 179 -2.22 18.45 -28.92
C ILE A 179 -0.81 17.96 -28.62
N LYS A 180 0.04 18.02 -29.64
CA LYS A 180 1.40 17.51 -29.50
C LYS A 180 2.25 18.43 -28.63
N THR A 181 1.87 19.71 -28.59
CA THR A 181 2.55 20.70 -27.78
C THR A 181 2.27 20.39 -26.33
N ILE A 182 0.99 20.36 -26.02
CA ILE A 182 0.50 20.01 -24.68
C ILE A 182 1.00 18.63 -24.20
N SER A 183 1.02 17.62 -25.06
CA SER A 183 1.51 16.31 -24.65
C SER A 183 2.99 16.39 -24.34
N SER A 184 3.73 17.04 -25.25
CA SER A 184 5.13 17.28 -25.09
C SER A 184 5.40 17.94 -23.74
N GLN A 185 4.53 18.89 -23.38
CA GLN A 185 4.67 19.62 -22.14
C GLN A 185 4.41 18.75 -20.92
N LYS A 186 3.32 18.00 -20.95
CA LYS A 186 2.99 17.08 -19.89
C LYS A 186 4.11 16.06 -19.75
N LYS A 187 4.53 15.51 -20.88
CA LYS A 187 5.50 14.42 -20.88
C LYS A 187 6.81 14.79 -20.27
N SER A 188 7.19 16.06 -20.41
CA SER A 188 8.51 16.52 -19.96
C SER A 188 8.42 16.92 -18.51
N ALA A 189 7.25 17.45 -18.12
CA ALA A 189 7.00 17.69 -16.72
C ALA A 189 7.20 16.35 -15.95
N MET A 190 6.61 15.29 -16.47
CA MET A 190 6.71 13.97 -15.86
C MET A 190 8.12 13.44 -15.81
N MET A 191 8.88 13.70 -16.87
CA MET A 191 10.29 13.35 -16.93
C MET A 191 11.01 14.07 -15.79
N LYS A 192 10.83 15.40 -15.70
CA LYS A 192 11.46 16.27 -14.65
C LYS A 192 11.18 15.76 -13.28
N LEU A 193 9.92 15.34 -13.08
CA LEU A 193 9.42 14.85 -11.82
C LEU A 193 9.73 13.37 -11.52
N GLY A 194 10.32 12.67 -12.49
CA GLY A 194 10.72 11.27 -12.33
C GLY A 194 9.52 10.35 -12.13
N VAL A 195 8.50 10.55 -12.93
CA VAL A 195 7.26 9.86 -12.80
C VAL A 195 6.86 9.26 -14.17
N GLU A 196 6.41 8.01 -14.16
CA GLU A 196 6.33 7.32 -15.43
C GLU A 196 4.97 7.17 -16.13
N ASN A 197 3.86 7.46 -15.44
CA ASN A 197 2.52 7.21 -15.97
C ASN A 197 1.52 8.19 -15.33
N ASP A 198 0.27 8.18 -15.84
CA ASP A 198 -0.69 9.15 -15.36
C ASP A 198 -1.10 8.91 -13.94
N ILE A 199 -1.24 7.65 -13.56
CA ILE A 199 -1.61 7.30 -12.18
C ILE A 199 -0.54 7.93 -11.24
N ALA A 200 0.72 7.62 -11.51
CA ALA A 200 1.83 8.10 -10.71
C ALA A 200 1.90 9.60 -10.61
N LEU A 201 1.65 10.30 -11.72
CA LEU A 201 1.69 11.76 -11.79
C LEU A 201 0.64 12.41 -10.91
N LEU A 202 -0.62 11.94 -11.03
CA LEU A 202 -1.75 12.45 -10.28
C LEU A 202 -1.54 12.30 -8.79
N ASN A 203 -0.97 11.16 -8.40
CA ASN A 203 -0.66 10.90 -7.01
C ASN A 203 0.36 11.86 -6.45
N TYR A 204 1.35 12.19 -7.26
CA TYR A 204 2.28 13.24 -6.85
C TYR A 204 1.49 14.54 -6.69
N LEU A 205 0.77 14.86 -7.77
CA LEU A 205 0.08 16.11 -7.93
C LEU A 205 -0.86 16.42 -6.70
N SER A 206 -1.39 15.39 -6.04
CA SER A 206 -2.13 15.62 -4.74
C SER A 206 -1.32 15.53 -3.44
N SER A 207 -0.04 15.11 -3.51
CA SER A 207 0.88 15.07 -2.36
C SER A 207 1.33 16.43 -1.89
N VAL A 208 1.92 17.18 -2.82
CA VAL A 208 2.19 18.60 -2.64
C VAL A 208 1.18 19.25 -3.58
N THR A 209 0.27 20.02 -3.02
CA THR A 209 -0.97 20.38 -3.72
C THR A 209 -1.46 21.85 -3.56
N ASN B 2 -7.46 -31.80 13.83
CA ASN B 2 -7.43 -31.03 15.11
C ASN B 2 -6.53 -29.77 15.04
N ASN B 3 -5.24 -29.96 14.81
CA ASN B 3 -4.26 -28.86 14.75
C ASN B 3 -4.36 -28.09 13.42
N MET B 4 -3.76 -26.91 13.33
CA MET B 4 -3.92 -26.08 12.13
C MET B 4 -2.63 -25.58 11.51
N ASN B 5 -2.54 -25.73 10.19
CA ASN B 5 -1.38 -25.32 9.39
C ASN B 5 -1.65 -24.10 8.54
N VAL B 6 -0.91 -23.02 8.81
CA VAL B 6 -1.06 -21.80 8.01
C VAL B 6 0.13 -21.49 7.14
N ILE B 7 -0.18 -20.98 5.96
CA ILE B 7 0.76 -20.34 5.04
C ILE B 7 0.37 -18.85 4.95
N ILE B 8 1.35 -17.98 5.18
CA ILE B 8 1.12 -16.53 5.11
C ILE B 8 1.77 -15.98 3.84
N ALA B 9 0.99 -15.30 3.01
CA ALA B 9 1.54 -14.63 1.84
C ALA B 9 1.21 -13.14 1.76
N ASP B 10 2.26 -12.32 1.94
CA ASP B 10 2.16 -10.85 1.89
C ASP B 10 3.52 -10.32 1.52
N ASP B 11 3.53 -9.26 0.71
CA ASP B 11 4.77 -8.70 0.23
C ASP B 11 5.49 -7.71 1.18
N HIS B 12 4.81 -7.26 2.22
CA HIS B 12 5.47 -6.48 3.28
C HIS B 12 6.04 -7.41 4.36
N PRO B 13 7.37 -7.67 4.32
CA PRO B 13 8.03 -8.53 5.27
C PRO B 13 7.82 -8.10 6.72
N ILE B 14 7.84 -6.78 6.99
CA ILE B 14 7.52 -6.32 8.31
C ILE B 14 6.12 -6.78 8.79
N VAL B 15 5.19 -6.92 7.83
CA VAL B 15 3.81 -7.33 8.15
C VAL B 15 3.76 -8.83 8.38
N LEU B 16 4.51 -9.54 7.53
CA LEU B 16 4.65 -10.98 7.56
C LEU B 16 5.14 -11.35 8.93
N PHE B 17 6.19 -10.67 9.39
CA PHE B 17 6.70 -10.83 10.74
C PHE B 17 5.60 -10.66 11.77
N GLY B 18 4.86 -9.55 11.62
CA GLY B 18 3.76 -9.25 12.51
C GLY B 18 2.72 -10.34 12.62
N ILE B 19 2.25 -10.86 11.47
CA ILE B 19 1.27 -11.92 11.46
C ILE B 19 1.84 -13.19 12.06
N ARG B 20 3.10 -13.52 11.70
CA ARG B 20 3.75 -14.70 12.25
C ARG B 20 3.80 -14.63 13.77
N LYS B 21 4.17 -13.47 14.31
CA LYS B 21 4.28 -13.30 15.77
C LYS B 21 2.95 -13.27 16.50
N SER B 22 1.94 -12.69 15.86
CA SER B 22 0.59 -12.72 16.40
C SER B 22 -0.02 -14.13 16.29
N LEU B 23 0.32 -14.88 15.23
CA LEU B 23 -0.16 -16.27 15.13
C LEU B 23 0.62 -17.24 16.01
N GLU B 24 1.86 -16.88 16.30
CA GLU B 24 2.75 -17.67 17.14
C GLU B 24 2.13 -17.96 18.49
N GLN B 25 1.21 -17.09 18.89
CA GLN B 25 0.56 -17.13 20.20
C GLN B 25 -0.44 -18.28 20.34
N ILE B 26 -0.94 -18.79 19.23
CA ILE B 26 -2.07 -19.71 19.23
C ILE B 26 -1.56 -21.12 19.02
N GLU B 27 -1.58 -21.88 20.12
CA GLU B 27 -0.91 -23.18 20.17
C GLU B 27 -1.49 -24.27 19.23
N TRP B 28 -2.72 -24.06 18.75
CA TRP B 28 -3.36 -24.97 17.76
C TRP B 28 -3.19 -24.48 16.32
N VAL B 29 -2.32 -23.48 16.16
CA VAL B 29 -1.93 -22.93 14.84
C VAL B 29 -0.44 -23.17 14.63
N ASN B 30 -0.10 -23.50 13.37
CA ASN B 30 1.27 -23.65 12.96
C ASN B 30 1.55 -22.89 11.69
N VAL B 31 2.41 -21.89 11.78
CA VAL B 31 3.01 -21.25 10.59
C VAL B 31 3.89 -22.27 9.94
N VAL B 32 3.67 -22.54 8.66
CA VAL B 32 4.43 -23.63 7.97
C VAL B 32 5.15 -23.13 6.73
N GLY B 33 4.90 -21.87 6.37
CA GLY B 33 5.49 -21.23 5.22
C GLY B 33 5.07 -19.79 5.14
N GLU B 34 6.07 -18.93 4.91
CA GLU B 34 5.81 -17.53 4.65
C GLU B 34 6.25 -17.30 3.22
N PHE B 35 5.48 -16.51 2.47
CA PHE B 35 5.77 -16.28 1.06
C PHE B 35 5.51 -14.89 0.64
N GLU B 36 6.30 -14.44 -0.30
CA GLU B 36 6.34 -13.04 -0.65
C GLU B 36 5.90 -12.80 -2.06
N ASP B 37 5.82 -13.87 -2.86
CA ASP B 37 5.20 -13.78 -4.18
C ASP B 37 4.30 -14.99 -4.56
N SER B 38 3.45 -14.83 -5.58
CA SER B 38 2.44 -15.83 -5.92
C SER B 38 3.12 -17.12 -6.37
N THR B 39 4.22 -16.92 -7.08
CA THR B 39 4.92 -18.01 -7.69
C THR B 39 5.58 -18.94 -6.65
N ALA B 40 6.32 -18.39 -5.70
CA ALA B 40 6.89 -19.17 -4.58
C ALA B 40 5.82 -19.87 -3.76
N LEU B 41 4.74 -19.15 -3.49
CA LEU B 41 3.54 -19.71 -2.89
C LEU B 41 2.96 -20.95 -3.65
N ILE B 42 2.54 -20.79 -4.91
CA ILE B 42 1.96 -21.89 -5.68
C ILE B 42 2.95 -23.05 -5.88
N ASN B 43 4.23 -22.75 -5.97
CA ASN B 43 5.24 -23.79 -6.09
C ASN B 43 5.35 -24.60 -4.83
N ASN B 44 5.14 -24.00 -3.66
CA ASN B 44 5.32 -24.73 -2.42
C ASN B 44 4.04 -25.21 -1.81
N LEU B 45 2.92 -24.79 -2.38
CA LEU B 45 1.62 -25.30 -1.98
C LEU B 45 1.49 -26.81 -1.86
N PRO B 46 1.96 -27.61 -2.87
CA PRO B 46 1.78 -29.06 -2.69
C PRO B 46 2.69 -29.64 -1.61
N LYS B 47 3.79 -28.92 -1.34
CA LYS B 47 4.85 -29.39 -0.45
C LYS B 47 4.51 -29.33 1.03
N LEU B 48 3.56 -28.47 1.36
CA LEU B 48 3.09 -28.31 2.72
C LEU B 48 1.64 -28.75 2.71
N ASP B 49 1.33 -29.79 3.46
CA ASP B 49 -0.06 -30.04 3.73
C ASP B 49 -0.41 -28.93 4.69
N ALA B 50 -1.39 -28.14 4.31
CA ALA B 50 -1.66 -26.88 4.94
C ALA B 50 -3.14 -26.64 4.79
N HIS B 51 -3.77 -26.15 5.86
CA HIS B 51 -5.21 -25.94 5.81
C HIS B 51 -5.57 -24.54 5.40
N VAL B 52 -4.74 -23.57 5.78
CA VAL B 52 -5.11 -22.15 5.65
C VAL B 52 -4.07 -21.32 4.97
N LEU B 53 -4.53 -20.60 3.96
CA LEU B 53 -3.74 -19.59 3.32
C LEU B 53 -4.28 -18.25 3.81
N ILE B 54 -3.36 -17.43 4.32
CA ILE B 54 -3.63 -16.04 4.68
C ILE B 54 -2.91 -15.14 3.67
N THR B 55 -3.67 -14.45 2.82
CA THR B 55 -3.09 -13.56 1.77
C THR B 55 -3.66 -12.15 1.74
N ASP B 56 -2.83 -11.21 1.25
CA ASP B 56 -3.29 -9.92 0.79
C ASP B 56 -3.83 -10.10 -0.61
N LEU B 57 -4.37 -9.05 -1.21
CA LEU B 57 -4.75 -9.13 -2.62
C LEU B 57 -3.55 -9.08 -3.52
N SER B 58 -2.92 -7.90 -3.53
CA SER B 58 -1.88 -7.64 -4.49
C SER B 58 -0.50 -7.99 -3.99
N MET B 59 0.18 -8.81 -4.78
CA MET B 59 1.60 -9.15 -4.58
C MET B 59 2.20 -9.45 -5.93
N PRO B 60 3.54 -9.29 -6.06
CA PRO B 60 4.31 -9.82 -7.24
C PRO B 60 4.10 -11.33 -7.57
N GLY B 61 4.30 -11.69 -8.82
CA GLY B 61 4.11 -13.11 -9.18
C GLY B 61 3.24 -13.15 -10.40
N ASP B 62 3.90 -13.38 -11.52
CA ASP B 62 3.34 -13.10 -12.79
C ASP B 62 2.80 -14.28 -13.54
N LYS B 63 3.29 -15.50 -13.25
CA LYS B 63 2.74 -16.73 -13.83
C LYS B 63 1.30 -16.91 -13.38
N TYR B 64 1.09 -16.73 -12.08
CA TYR B 64 -0.20 -16.99 -11.50
C TYR B 64 -0.96 -15.76 -11.05
N GLY B 65 -0.38 -14.59 -11.26
CA GLY B 65 -1.02 -13.34 -10.92
C GLY B 65 -1.30 -13.05 -9.46
N ASP B 66 -2.19 -12.10 -9.23
CA ASP B 66 -2.55 -11.74 -7.89
C ASP B 66 -4.02 -11.49 -7.79
N GLY B 67 -4.46 -11.18 -6.58
CA GLY B 67 -5.84 -10.87 -6.34
C GLY B 67 -6.80 -11.97 -6.68
N ILE B 68 -7.98 -11.55 -7.12
CA ILE B 68 -9.07 -12.44 -7.49
C ILE B 68 -8.61 -13.59 -8.35
N THR B 69 -7.93 -13.24 -9.43
CA THR B 69 -7.36 -14.19 -10.36
C THR B 69 -6.56 -15.22 -9.64
N LEU B 70 -5.63 -14.75 -8.84
CA LEU B 70 -4.78 -15.63 -8.10
C LEU B 70 -5.58 -16.53 -7.21
N ILE B 71 -6.55 -15.99 -6.50
CA ILE B 71 -7.35 -16.79 -5.62
C ILE B 71 -8.02 -17.87 -6.43
N LYS B 72 -8.85 -17.40 -7.35
CA LYS B 72 -9.58 -18.34 -8.20
C LYS B 72 -8.76 -19.49 -8.74
N TYR B 73 -7.50 -19.21 -9.07
CA TYR B 73 -6.54 -20.22 -9.48
C TYR B 73 -6.42 -21.22 -8.34
N ILE B 74 -6.32 -20.72 -7.10
CA ILE B 74 -6.05 -21.56 -5.94
C ILE B 74 -7.27 -22.42 -5.59
N LYS B 75 -8.46 -21.83 -5.61
CA LYS B 75 -9.66 -22.60 -5.33
C LYS B 75 -9.92 -23.67 -6.40
N ARG B 76 -9.53 -23.38 -7.65
CA ARG B 76 -9.56 -24.33 -8.77
C ARG B 76 -8.60 -25.51 -8.51
N HIS B 77 -7.36 -25.24 -8.11
CA HIS B 77 -6.32 -26.27 -7.98
C HIS B 77 -6.08 -26.91 -6.59
N PHE B 78 -6.54 -26.25 -5.54
CA PHE B 78 -6.37 -26.71 -4.14
C PHE B 78 -7.68 -26.40 -3.41
N PRO B 79 -8.76 -27.08 -3.81
CA PRO B 79 -10.08 -26.69 -3.30
C PRO B 79 -10.24 -27.05 -1.83
N SER B 80 -9.46 -28.03 -1.39
CA SER B 80 -9.19 -28.34 0.01
C SER B 80 -8.80 -27.09 0.85
N LEU B 81 -8.04 -26.17 0.24
CA LEU B 81 -7.45 -24.99 0.94
C LEU B 81 -8.36 -23.81 1.18
N SER B 82 -8.39 -23.42 2.45
CA SER B 82 -9.22 -22.35 2.93
C SER B 82 -8.41 -21.10 2.96
N ILE B 83 -8.95 -20.07 2.30
CA ILE B 83 -8.24 -18.83 2.16
C ILE B 83 -8.90 -17.79 3.07
N ILE B 84 -8.06 -17.10 3.87
CA ILE B 84 -8.47 -15.83 4.46
C ILE B 84 -7.75 -14.71 3.78
N VAL B 85 -8.51 -13.80 3.20
CA VAL B 85 -7.91 -12.56 2.66
C VAL B 85 -7.76 -11.52 3.77
N LEU B 86 -6.53 -11.01 3.91
CA LEU B 86 -6.23 -9.92 4.86
C LEU B 86 -5.76 -8.79 3.98
N THR B 87 -6.57 -7.73 3.87
CA THR B 87 -6.29 -6.65 2.93
C THR B 87 -6.26 -5.25 3.46
N MET B 88 -5.67 -4.35 2.70
CA MET B 88 -5.48 -3.02 3.14
C MET B 88 -6.36 -2.00 2.48
N ASN B 89 -7.47 -2.37 1.82
CA ASN B 89 -8.33 -1.21 1.34
C ASN B 89 -9.78 -0.97 1.78
N ASN B 90 -10.21 0.24 2.24
CA ASN B 90 -11.65 0.65 2.29
C ASN B 90 -12.15 1.15 0.90
N ASN B 91 -11.84 0.46 -0.21
CA ASN B 91 -12.68 0.64 -1.41
C ASN B 91 -13.89 -0.30 -1.40
N PRO B 92 -15.11 0.25 -1.28
CA PRO B 92 -16.30 -0.59 -1.24
C PRO B 92 -16.43 -1.48 -2.47
N ALA B 93 -16.30 -0.90 -3.67
CA ALA B 93 -16.47 -1.67 -4.90
C ALA B 93 -15.54 -2.88 -5.00
N ILE B 94 -14.25 -2.67 -4.74
CA ILE B 94 -13.29 -3.74 -4.93
C ILE B 94 -13.54 -4.86 -3.91
N LEU B 95 -13.69 -4.46 -2.65
CA LEU B 95 -14.12 -5.39 -1.61
C LEU B 95 -15.41 -6.13 -1.97
N SER B 96 -16.43 -5.44 -2.46
CA SER B 96 -17.66 -6.08 -2.92
C SER B 96 -17.42 -7.31 -3.79
N ALA B 97 -16.52 -7.16 -4.77
CA ALA B 97 -16.18 -8.25 -5.65
C ALA B 97 -15.46 -9.37 -4.88
N VAL B 98 -14.58 -8.99 -3.95
CA VAL B 98 -13.87 -9.98 -3.19
C VAL B 98 -14.79 -10.74 -2.24
N LEU B 99 -15.87 -10.12 -1.75
CA LEU B 99 -16.79 -10.83 -0.86
C LEU B 99 -17.73 -11.78 -1.58
N ASP B 100 -18.02 -11.49 -2.86
CA ASP B 100 -18.75 -12.42 -3.72
C ASP B 100 -17.94 -13.66 -4.06
N LEU B 101 -16.67 -13.70 -3.70
CA LEU B 101 -15.79 -14.79 -4.09
C LEU B 101 -15.93 -16.10 -3.34
N ASP B 102 -16.59 -16.06 -2.20
CA ASP B 102 -16.77 -17.26 -1.40
C ASP B 102 -15.43 -17.85 -0.99
N ILE B 103 -14.74 -17.09 -0.16
CA ILE B 103 -13.59 -17.52 0.64
C ILE B 103 -14.04 -17.60 2.07
N GLU B 104 -13.16 -17.96 2.98
CA GLU B 104 -13.56 -18.29 4.36
C GLU B 104 -13.00 -17.31 5.33
N GLY B 105 -12.90 -16.06 4.90
CA GLY B 105 -12.46 -14.97 5.78
C GLY B 105 -12.03 -13.71 5.07
N ILE B 106 -12.54 -12.54 5.48
CA ILE B 106 -11.85 -11.24 5.19
C ILE B 106 -11.49 -10.62 6.53
N VAL B 107 -10.40 -9.89 6.54
CA VAL B 107 -9.92 -9.12 7.71
C VAL B 107 -9.24 -7.87 7.14
N LEU B 108 -9.72 -6.69 7.47
CA LEU B 108 -8.99 -5.50 7.00
C LEU B 108 -7.74 -5.25 7.85
N LYS B 109 -6.76 -4.55 7.28
CA LYS B 109 -5.53 -4.39 7.99
C LYS B 109 -5.70 -3.25 8.93
N GLN B 110 -6.72 -2.43 8.65
CA GLN B 110 -7.09 -1.32 9.50
C GLN B 110 -8.00 -1.84 10.61
N GLY B 111 -7.53 -1.75 11.85
CA GLY B 111 -8.34 -1.99 13.02
C GLY B 111 -8.85 -3.41 13.10
N ALA B 112 -7.98 -4.30 13.44
CA ALA B 112 -8.29 -5.72 13.34
C ALA B 112 -7.15 -6.48 13.95
N PRO B 113 -6.80 -6.09 15.21
CA PRO B 113 -5.66 -6.74 15.91
C PRO B 113 -6.10 -8.12 16.36
N THR B 114 -7.39 -8.25 16.63
CA THR B 114 -8.01 -9.43 17.21
C THR B 114 -8.76 -10.19 16.12
N ASP B 115 -9.05 -9.53 14.99
CA ASP B 115 -9.89 -10.12 13.94
C ASP B 115 -9.30 -11.37 13.32
N LEU B 116 -8.00 -11.37 13.13
CA LEU B 116 -7.35 -12.51 12.56
C LEU B 116 -7.43 -13.77 13.45
N PRO B 117 -7.17 -13.67 14.77
CA PRO B 117 -7.39 -14.94 15.49
C PRO B 117 -8.84 -15.29 15.58
N LYS B 118 -9.73 -14.30 15.49
CA LYS B 118 -11.14 -14.59 15.46
C LYS B 118 -11.46 -15.35 14.17
N ALA B 119 -10.98 -14.85 13.05
CA ALA B 119 -11.22 -15.47 11.77
C ALA B 119 -10.76 -16.91 11.73
N LEU B 120 -9.61 -17.15 12.33
CA LEU B 120 -9.03 -18.47 12.32
C LEU B 120 -9.80 -19.38 13.25
N ALA B 121 -10.36 -18.80 14.32
CA ALA B 121 -10.98 -19.57 15.36
C ALA B 121 -12.35 -20.00 14.89
N ALA B 122 -12.99 -19.17 14.08
CA ALA B 122 -14.24 -19.53 13.40
C ALA B 122 -14.08 -20.64 12.37
N LEU B 123 -12.84 -20.86 11.94
CA LEU B 123 -12.60 -21.90 10.98
C LEU B 123 -12.57 -23.26 11.60
N GLN B 124 -12.33 -23.33 12.90
CA GLN B 124 -12.44 -24.59 13.65
C GLN B 124 -13.90 -25.08 13.59
N LYS B 125 -14.84 -24.15 13.81
CA LYS B 125 -16.28 -24.42 13.94
C LYS B 125 -17.02 -24.21 12.62
N PRO B 131 -22.07 -20.10 5.16
CA PRO B 131 -21.98 -19.63 6.56
C PRO B 131 -20.60 -19.07 6.85
N GLU B 132 -20.51 -17.74 6.98
CA GLU B 132 -19.25 -17.06 7.25
C GLU B 132 -19.33 -15.79 8.09
N SER B 133 -18.84 -15.80 9.32
CA SER B 133 -18.94 -14.65 10.25
C SER B 133 -18.13 -13.49 9.74
N VAL B 134 -16.81 -13.66 9.73
CA VAL B 134 -15.89 -12.64 9.17
C VAL B 134 -16.42 -11.94 7.89
N SER B 135 -16.81 -12.73 6.87
CA SER B 135 -17.43 -12.22 5.64
C SER B 135 -18.74 -11.44 5.91
N ARG B 136 -19.45 -11.84 6.96
CA ARG B 136 -20.61 -11.11 7.43
C ARG B 136 -20.20 -9.75 7.93
N LEU B 137 -19.17 -9.70 8.76
CA LEU B 137 -18.83 -8.55 9.63
C LEU B 137 -18.98 -7.10 9.16
N LEU B 138 -18.46 -6.68 7.98
CA LEU B 138 -18.60 -5.27 7.55
C LEU B 138 -19.37 -5.14 6.24
N GLU B 139 -19.98 -6.25 5.83
CA GLU B 139 -20.85 -6.32 4.64
C GLU B 139 -21.81 -5.16 4.34
N LYS B 140 -22.48 -4.59 5.37
CA LYS B 140 -23.41 -3.46 5.13
C LYS B 140 -22.69 -2.32 4.42
N ILE B 141 -21.40 -2.23 4.70
CA ILE B 141 -20.57 -1.13 4.34
C ILE B 141 -19.72 -1.49 3.10
N LYS B 149 -25.04 -1.10 -7.08
CA LYS B 149 -24.36 -0.94 -8.40
C LYS B 149 -22.95 -1.61 -8.25
N ARG B 150 -22.93 -2.94 -8.08
CA ARG B 150 -21.72 -3.68 -7.66
C ARG B 150 -21.02 -4.24 -8.87
N LEU B 151 -19.69 -4.22 -8.87
CA LEU B 151 -18.92 -4.61 -10.08
C LEU B 151 -18.36 -6.00 -10.10
N SER B 152 -18.29 -6.53 -11.32
CA SER B 152 -18.03 -7.94 -11.65
C SER B 152 -16.64 -8.32 -11.34
N PRO B 153 -16.31 -9.62 -11.22
CA PRO B 153 -15.00 -9.91 -10.64
C PRO B 153 -13.81 -9.38 -11.49
N LYS B 154 -13.88 -9.51 -12.83
CA LYS B 154 -12.87 -9.04 -13.73
C LYS B 154 -12.85 -7.55 -13.63
N GLU B 155 -14.01 -6.92 -13.78
CA GLU B 155 -14.11 -5.47 -13.63
C GLU B 155 -13.37 -4.94 -12.39
N SER B 156 -13.46 -5.67 -11.27
CA SER B 156 -12.86 -5.20 -10.02
C SER B 156 -11.39 -5.29 -10.12
N GLU B 157 -10.95 -6.40 -10.67
CA GLU B 157 -9.55 -6.73 -10.83
C GLU B 157 -8.87 -5.67 -11.73
N VAL B 158 -9.39 -5.55 -12.94
CA VAL B 158 -8.89 -4.60 -13.91
C VAL B 158 -8.78 -3.23 -13.28
N LEU B 159 -9.83 -2.79 -12.63
CA LEU B 159 -9.78 -1.55 -11.85
C LEU B 159 -8.71 -1.47 -10.76
N ARG B 160 -8.52 -2.56 -10.01
CA ARG B 160 -7.56 -2.57 -8.91
C ARG B 160 -6.17 -2.36 -9.47
N LEU B 161 -5.86 -3.18 -10.45
CA LEU B 161 -4.61 -3.19 -11.12
C LEU B 161 -4.35 -1.83 -11.71
N PHE B 162 -5.38 -1.20 -12.28
CA PHE B 162 -5.24 0.16 -12.86
C PHE B 162 -4.88 1.13 -11.79
N ALA B 163 -5.59 1.07 -10.66
CA ALA B 163 -5.40 2.01 -9.59
C ALA B 163 -4.04 1.75 -8.90
N GLU B 164 -3.49 0.54 -9.10
CA GLU B 164 -2.13 0.20 -8.69
C GLU B 164 -1.06 0.89 -9.58
N GLY B 165 -1.47 1.75 -10.51
CA GLY B 165 -0.49 2.31 -11.44
C GLY B 165 -0.30 1.68 -12.83
N PHE B 166 -0.71 0.42 -13.02
CA PHE B 166 -0.65 -0.34 -14.31
C PHE B 166 -1.46 0.27 -15.43
N LEU B 167 -0.90 0.24 -16.63
CA LEU B 167 -1.57 0.79 -17.79
C LEU B 167 -2.51 -0.25 -18.38
N VAL B 168 -3.48 0.19 -19.17
CA VAL B 168 -4.39 -0.78 -19.82
C VAL B 168 -3.58 -1.82 -20.61
N THR B 169 -2.67 -1.37 -21.48
CA THR B 169 -1.80 -2.25 -22.26
C THR B 169 -1.01 -3.19 -21.39
N GLU B 170 -0.52 -2.68 -20.25
CA GLU B 170 0.20 -3.50 -19.30
C GLU B 170 -0.68 -4.50 -18.59
N ILE B 171 -1.92 -4.10 -18.25
CA ILE B 171 -2.89 -5.00 -17.59
C ILE B 171 -3.14 -6.20 -18.52
N ALA B 172 -3.54 -5.88 -19.73
CA ALA B 172 -3.61 -6.82 -20.84
C ALA B 172 -2.46 -7.84 -20.95
N LYS B 173 -1.21 -7.39 -20.82
CA LYS B 173 -0.09 -8.33 -20.88
C LYS B 173 -0.16 -9.27 -19.70
N LYS B 174 -0.45 -8.73 -18.51
CA LYS B 174 -0.32 -9.48 -17.27
C LYS B 174 -1.29 -10.64 -17.22
N LEU B 175 -2.53 -10.35 -17.63
CA LEU B 175 -3.63 -11.31 -17.55
C LEU B 175 -3.79 -12.27 -18.74
N ASN B 176 -2.82 -12.25 -19.66
CA ASN B 176 -2.89 -12.95 -20.96
C ASN B 176 -4.22 -12.79 -21.66
N ARG B 177 -4.61 -11.52 -21.80
CA ARG B 177 -5.84 -11.16 -22.49
C ARG B 177 -5.66 -9.96 -23.41
N SER B 178 -6.60 -9.80 -24.36
CA SER B 178 -6.52 -8.72 -25.33
C SER B 178 -6.72 -7.36 -24.68
N ILE B 179 -6.03 -6.36 -25.18
CA ILE B 179 -6.19 -4.95 -24.74
C ILE B 179 -7.65 -4.50 -24.80
N LYS B 180 -8.39 -4.97 -25.80
CA LYS B 180 -9.77 -4.52 -25.99
C LYS B 180 -10.67 -5.15 -24.96
N THR B 181 -10.27 -6.32 -24.45
CA THR B 181 -10.99 -7.00 -23.41
C THR B 181 -10.91 -6.19 -22.13
N ILE B 182 -9.67 -5.99 -21.73
CA ILE B 182 -9.33 -5.16 -20.56
C ILE B 182 -9.89 -3.74 -20.63
N SER B 183 -9.85 -3.09 -21.78
CA SER B 183 -10.38 -1.73 -21.91
C SER B 183 -11.85 -1.77 -21.72
N SER B 184 -12.48 -2.72 -22.40
CA SER B 184 -13.91 -2.90 -22.30
C SER B 184 -14.30 -3.11 -20.87
N GLN B 185 -13.48 -3.86 -20.13
CA GLN B 185 -13.73 -4.13 -18.72
C GLN B 185 -13.59 -2.86 -17.85
N LYS B 186 -12.51 -2.11 -18.07
CA LYS B 186 -12.31 -0.86 -17.37
C LYS B 186 -13.44 0.07 -17.66
N LYS B 187 -13.74 0.26 -18.92
CA LYS B 187 -14.74 1.22 -19.31
C LYS B 187 -16.10 0.97 -18.71
N SER B 188 -16.43 -0.28 -18.50
CA SER B 188 -17.76 -0.62 -18.02
C SER B 188 -17.80 -0.53 -16.51
N ALA B 189 -16.67 -0.83 -15.89
CA ALA B 189 -16.54 -0.57 -14.48
C ALA B 189 -16.81 0.93 -14.21
N MET B 190 -16.22 1.80 -15.02
CA MET B 190 -16.43 3.24 -14.89
C MET B 190 -17.88 3.66 -15.07
N MET B 191 -18.53 3.02 -16.05
CA MET B 191 -19.94 3.21 -16.30
C MET B 191 -20.72 2.84 -15.01
N LYS B 192 -20.48 1.62 -14.48
CA LYS B 192 -21.16 1.09 -13.27
C LYS B 192 -21.03 2.04 -12.12
N LEU B 193 -19.82 2.60 -11.99
CA LEU B 193 -19.45 3.52 -10.92
C LEU B 193 -19.92 4.96 -11.13
N GLY B 194 -20.44 5.27 -12.32
CA GLY B 194 -20.95 6.60 -12.64
C GLY B 194 -19.85 7.64 -12.63
N VAL B 195 -18.75 7.28 -13.28
CA VAL B 195 -17.58 8.12 -13.29
C VAL B 195 -17.09 8.29 -14.71
N GLU B 196 -16.68 9.51 -15.05
CA GLU B 196 -16.47 9.91 -16.43
C GLU B 196 -15.13 9.66 -17.13
N ASN B 197 -14.05 9.71 -16.36
CA ASN B 197 -12.66 9.76 -16.86
C ASN B 197 -11.69 9.16 -15.83
N ASP B 198 -10.41 9.07 -16.19
CA ASP B 198 -9.43 8.45 -15.32
C ASP B 198 -9.20 9.21 -14.03
N ILE B 199 -9.16 10.54 -14.14
CA ILE B 199 -9.00 11.38 -12.96
C ILE B 199 -10.12 11.05 -11.97
N ALA B 200 -11.36 11.17 -12.45
CA ALA B 200 -12.56 10.91 -11.66
C ALA B 200 -12.57 9.56 -10.99
N LEU B 201 -12.15 8.52 -11.72
CA LEU B 201 -12.13 7.13 -11.21
C LEU B 201 -11.20 6.94 -10.06
N LEU B 202 -9.96 7.42 -10.21
CA LEU B 202 -8.93 7.30 -9.20
C LEU B 202 -9.33 7.97 -7.92
N ASN B 203 -9.96 9.16 -8.06
CA ASN B 203 -10.46 9.89 -6.92
C ASN B 203 -11.50 9.16 -6.17
N TYR B 204 -12.39 8.48 -6.90
CA TYR B 204 -13.33 7.62 -6.21
C TYR B 204 -12.56 6.55 -5.46
N LEU B 205 -11.71 5.87 -6.23
CA LEU B 205 -10.98 4.71 -5.80
C LEU B 205 -10.21 4.96 -4.43
N SER B 206 -9.81 6.21 -4.16
CA SER B 206 -9.21 6.57 -2.83
C SER B 206 -10.19 6.83 -1.67
N SER B 207 -11.51 6.83 -1.91
CA SER B 207 -12.55 6.88 -0.83
C SER B 207 -13.09 5.46 -0.45
#